data_5Z6B
#
_entry.id   5Z6B
#
_cell.length_a   42.230
_cell.length_b   78.592
_cell.length_c   54.075
_cell.angle_alpha   90.00
_cell.angle_beta   102.04
_cell.angle_gamma   90.00
#
_symmetry.space_group_name_H-M   'P 1 21 1'
#
loop_
_entity.id
_entity.type
_entity.pdbx_description
1 polymer 'Putative ABC transporter substrate-binding protein YesO'
2 branched '2,6-anhydro-3-deoxy-L-threo-hex-2-enonic acid-(1-2)-[beta-D-galactopyranose-(1-4)]alpha-L-rhamnopyranose'
3 water water
#
_entity_poly.entity_id   1
_entity_poly.type   'polypeptide(L)'
_entity_poly.pdbx_seq_one_letter_code
;MKKICYVLLSLVCVFLFSGCSAGEEASGKKEDVTLRIAWWGGQPRHDYTTKVIELYEKKNPHVHIEAEFANWDDYWKKLA
PMSAAGQLPDVIQMDTAYLAQYGKKNQLEDLTPYTKDGTIDVSSIDENMLSGGKIDNKLYGFTLGVNVLSVIANEDLLKK
AGVSINQENWTWEDYEKLAYDLQEKAGVYGSNGMHPPDIFFPYYLRTKGERFYKEDGTGLAYQDDQLFVDYFERQLRLVK
AKTSPTPDESAQIKGMEDDFIVKGKSAITWNYSNQYLGFARLTDSPLSLYLPPEQMQEKALTLKPSMLFSIPKSSEHKKE
AAKFINFFVNNEEANQLIKGERGVPVSDKVADAIKPKLNEEETNIVEYVETASKNISKADPPEPVGSAEVIKLLKDTSDQ
ILYQKVSPEKAAKTFRKKANEILERNN
;
_entity_poly.pdbx_strand_id   A
#
# COMPACT_ATOMS: atom_id res chain seq x y z
N THR A 34 -4.22 28.77 -8.18
CA THR A 34 -4.51 27.42 -8.65
C THR A 34 -3.86 26.37 -7.75
N LEU A 35 -4.66 25.59 -7.04
CA LEU A 35 -4.15 24.57 -6.13
C LEU A 35 -4.20 23.22 -6.83
N ARG A 36 -3.03 22.68 -7.17
CA ARG A 36 -2.95 21.37 -7.81
C ARG A 36 -2.83 20.26 -6.77
N ILE A 37 -3.67 19.24 -6.91
CA ILE A 37 -3.74 18.12 -5.97
C ILE A 37 -3.67 16.84 -6.79
N ALA A 38 -2.77 15.93 -6.42
CA ALA A 38 -2.54 14.71 -7.17
C ALA A 38 -2.56 13.50 -6.26
N TRP A 39 -3.03 12.36 -6.79
CA TRP A 39 -3.03 11.11 -6.04
C TRP A 39 -3.00 9.94 -7.01
N TRP A 40 -2.73 8.76 -6.47
CA TRP A 40 -2.86 7.51 -7.22
C TRP A 40 -4.06 6.75 -6.69
N GLY A 41 -4.58 5.86 -7.51
CA GLY A 41 -5.63 4.96 -7.10
C GLY A 41 -6.48 4.53 -8.29
N GLY A 42 -7.63 3.93 -7.95
CA GLY A 42 -8.58 3.48 -8.93
C GLY A 42 -9.86 4.31 -8.88
N GLN A 43 -10.74 4.01 -9.82
CA GLN A 43 -11.99 4.75 -9.99
C GLN A 43 -12.74 5.01 -8.69
N PRO A 44 -12.96 4.04 -7.80
CA PRO A 44 -13.69 4.35 -6.56
C PRO A 44 -13.06 5.48 -5.77
N ARG A 45 -11.73 5.54 -5.76
CA ARG A 45 -11.07 6.63 -5.04
C ARG A 45 -11.24 7.96 -5.78
N HIS A 46 -11.13 7.95 -7.11
CA HIS A 46 -11.24 9.21 -7.85
C HIS A 46 -12.63 9.80 -7.67
N ASP A 47 -13.64 8.96 -7.61
CA ASP A 47 -15.03 9.43 -7.57
C ASP A 47 -15.29 10.28 -6.33
N TYR A 48 -14.94 9.77 -5.14
CA TYR A 48 -15.22 10.55 -3.95
C TYR A 48 -14.18 11.62 -3.69
N THR A 49 -12.94 11.44 -4.16
CA THR A 49 -11.96 12.51 -3.95
C THR A 49 -12.40 13.78 -4.65
N THR A 50 -13.01 13.65 -5.83
CA THR A 50 -13.60 14.79 -6.52
C THR A 50 -14.63 15.49 -5.65
N LYS A 51 -15.45 14.71 -4.94
CA LYS A 51 -16.47 15.30 -4.08
C LYS A 51 -15.86 15.99 -2.86
N VAL A 52 -14.78 15.42 -2.30
CA VAL A 52 -14.08 16.07 -1.19
C VAL A 52 -13.48 17.39 -1.65
N ILE A 53 -12.93 17.40 -2.86
CA ILE A 53 -12.36 18.63 -3.42
C ILE A 53 -13.47 19.68 -3.60
N GLU A 54 -14.60 19.27 -4.18
CA GLU A 54 -15.71 20.21 -4.35
C GLU A 54 -16.17 20.76 -3.00
N LEU A 55 -16.19 19.91 -1.97
CA LEU A 55 -16.58 20.38 -0.65
C LEU A 55 -15.59 21.39 -0.10
N TYR A 56 -14.28 21.17 -0.33
CA TYR A 56 -13.29 22.15 0.11
C TYR A 56 -13.49 23.47 -0.61
N GLU A 57 -13.81 23.44 -1.90
CA GLU A 57 -14.02 24.69 -2.63
C GLU A 57 -15.27 25.41 -2.15
N LYS A 58 -16.32 24.66 -1.81
CA LYS A 58 -17.51 25.29 -1.25
C LYS A 58 -17.20 26.00 0.06
N LYS A 59 -16.40 25.38 0.92
CA LYS A 59 -16.05 26.00 2.20
C LYS A 59 -14.98 27.09 2.06
N ASN A 60 -14.21 27.08 0.97
CA ASN A 60 -13.11 28.02 0.75
C ASN A 60 -13.22 28.54 -0.67
N PRO A 61 -14.19 29.43 -0.95
CA PRO A 61 -14.54 29.75 -2.34
C PRO A 61 -13.49 30.55 -3.08
N HIS A 62 -12.42 31.00 -2.41
CA HIS A 62 -11.30 31.64 -3.07
C HIS A 62 -10.35 30.63 -3.70
N VAL A 63 -10.55 29.34 -3.45
CA VAL A 63 -9.66 28.26 -3.90
C VAL A 63 -10.23 27.62 -5.15
N HIS A 64 -9.40 27.48 -6.19
CA HIS A 64 -9.73 26.69 -7.36
C HIS A 64 -8.74 25.53 -7.44
N ILE A 65 -9.24 24.30 -7.34
CA ILE A 65 -8.40 23.09 -7.32
C ILE A 65 -8.40 22.44 -8.70
N GLU A 66 -7.21 22.05 -9.15
CA GLU A 66 -7.04 21.21 -10.32
C GLU A 66 -6.57 19.83 -9.85
N ALA A 67 -7.33 18.80 -10.19
CA ALA A 67 -7.04 17.44 -9.74
C ALA A 67 -6.29 16.66 -10.82
N GLU A 68 -5.33 15.85 -10.37
CA GLU A 68 -4.53 15.01 -11.26
C GLU A 68 -4.44 13.63 -10.64
N PHE A 69 -4.72 12.58 -11.41
CA PHE A 69 -4.66 11.25 -10.83
C PHE A 69 -4.19 10.23 -11.86
N ALA A 70 -3.73 9.09 -11.35
CA ALA A 70 -3.23 8.00 -12.16
C ALA A 70 -3.24 6.74 -11.32
N ASN A 71 -3.06 5.59 -11.98
CA ASN A 71 -2.82 4.40 -11.19
C ASN A 71 -1.42 4.45 -10.59
N TRP A 72 -1.16 3.56 -9.64
CA TRP A 72 0.08 3.59 -8.88
C TRP A 72 1.32 3.65 -9.77
N ASP A 73 1.44 2.74 -10.73
CA ASP A 73 2.65 2.69 -11.57
C ASP A 73 2.83 3.98 -12.37
N ASP A 74 1.76 4.43 -13.04
CA ASP A 74 1.86 5.64 -13.85
C ASP A 74 2.11 6.86 -13.00
N TYR A 75 1.58 6.87 -11.77
CA TYR A 75 1.75 8.01 -10.87
C TYR A 75 3.22 8.31 -10.61
N TRP A 76 3.97 7.30 -10.15
CA TRP A 76 5.38 7.54 -9.83
C TRP A 76 6.20 7.79 -11.09
N LYS A 77 5.81 7.17 -12.21
CA LYS A 77 6.51 7.43 -13.47
C LYS A 77 6.34 8.88 -13.90
N LYS A 78 5.14 9.45 -13.75
CA LYS A 78 4.92 10.83 -14.16
C LYS A 78 5.47 11.82 -13.15
N LEU A 79 5.52 11.44 -11.87
CA LEU A 79 5.96 12.37 -10.83
C LEU A 79 7.46 12.69 -10.93
N ALA A 80 8.27 11.70 -11.32
CA ALA A 80 9.72 11.91 -11.28
C ALA A 80 10.18 13.03 -12.21
N PRO A 81 9.88 13.02 -13.51
CA PRO A 81 10.31 14.15 -14.35
C PRO A 81 9.59 15.44 -14.02
N MET A 82 8.38 15.35 -13.46
CA MET A 82 7.72 16.55 -12.94
C MET A 82 8.55 17.20 -11.85
N SER A 83 9.10 16.39 -10.93
CA SER A 83 9.94 16.96 -9.88
C SER A 83 11.21 17.56 -10.45
N ALA A 84 11.78 16.94 -11.48
CA ALA A 84 12.99 17.50 -12.09
C ALA A 84 12.70 18.83 -12.77
N ALA A 85 11.45 19.05 -13.20
CA ALA A 85 11.07 20.31 -13.83
C ALA A 85 10.60 21.35 -12.82
N GLY A 86 10.63 21.05 -11.53
CA GLY A 86 10.09 21.96 -10.53
C GLY A 86 8.59 22.17 -10.65
N GLN A 87 7.85 21.15 -11.11
CA GLN A 87 6.43 21.28 -11.40
C GLN A 87 5.56 20.33 -10.60
N LEU A 88 6.02 19.89 -9.43
CA LEU A 88 5.19 19.03 -8.60
C LEU A 88 3.90 19.74 -8.22
N PRO A 89 2.81 18.99 -8.04
CA PRO A 89 1.57 19.60 -7.55
C PRO A 89 1.74 20.07 -6.11
N ASP A 90 0.83 20.96 -5.70
CA ASP A 90 0.94 21.57 -4.38
C ASP A 90 0.64 20.58 -3.26
N VAL A 91 -0.28 19.66 -3.49
CA VAL A 91 -0.56 18.56 -2.57
C VAL A 91 -0.26 17.27 -3.32
N ILE A 92 0.69 16.50 -2.80
CA ILE A 92 1.15 15.25 -3.41
C ILE A 92 0.76 14.08 -2.52
N GLN A 93 -0.01 13.13 -3.05
CA GLN A 93 -0.18 11.89 -2.31
C GLN A 93 1.14 11.14 -2.37
N MET A 94 1.59 10.70 -1.20
CA MET A 94 2.93 10.16 -1.01
C MET A 94 2.86 8.81 -0.31
N ASP A 95 3.87 7.97 -0.56
CA ASP A 95 3.99 6.67 0.06
C ASP A 95 5.30 6.57 0.81
N THR A 96 5.34 5.77 1.88
CA THR A 96 6.58 5.65 2.63
C THR A 96 7.72 5.14 1.76
N ALA A 97 7.41 4.35 0.73
CA ALA A 97 8.45 3.78 -0.10
C ALA A 97 9.16 4.83 -0.94
N TYR A 98 8.55 6.00 -1.14
CA TYR A 98 9.15 7.06 -1.91
C TYR A 98 9.43 8.31 -1.08
N LEU A 99 9.12 8.28 0.22
CA LEU A 99 9.23 9.48 1.05
C LEU A 99 10.67 9.98 1.10
N ALA A 100 11.62 9.05 1.31
CA ALA A 100 13.03 9.47 1.39
C ALA A 100 13.58 9.85 0.03
N GLN A 101 13.18 9.11 -1.01
CA GLN A 101 13.57 9.43 -2.39
C GLN A 101 13.30 10.89 -2.71
N TYR A 102 12.17 11.43 -2.23
CA TYR A 102 11.85 12.82 -2.44
C TYR A 102 12.36 13.71 -1.31
N GLY A 103 12.19 13.26 -0.06
CA GLY A 103 12.47 14.12 1.08
C GLY A 103 13.95 14.33 1.34
N LYS A 104 14.78 13.35 0.99
CA LYS A 104 16.22 13.50 1.14
C LYS A 104 16.90 14.06 -0.11
N LYS A 105 16.11 14.46 -1.11
CA LYS A 105 16.62 15.10 -2.31
C LYS A 105 16.01 16.50 -2.48
N ASN A 106 15.68 17.14 -1.35
CA ASN A 106 15.28 18.56 -1.30
C ASN A 106 13.97 18.82 -2.05
N GLN A 107 13.08 17.84 -2.14
CA GLN A 107 11.85 18.03 -2.89
C GLN A 107 10.68 18.48 -2.04
N LEU A 108 10.70 18.16 -0.75
CA LEU A 108 9.52 18.23 0.09
C LEU A 108 9.70 19.20 1.24
N GLU A 109 8.62 19.90 1.55
CA GLU A 109 8.58 20.86 2.64
C GLU A 109 8.39 20.14 3.98
N ASP A 110 9.16 20.58 4.97
CA ASP A 110 8.92 20.12 6.34
C ASP A 110 7.58 20.67 6.79
N LEU A 111 6.66 19.78 7.18
CA LEU A 111 5.34 20.19 7.63
C LEU A 111 5.30 20.55 9.12
N THR A 112 6.40 20.36 9.84
CA THR A 112 6.40 20.62 11.28
C THR A 112 5.97 22.02 11.65
N PRO A 113 6.34 23.09 10.93
CA PRO A 113 5.80 24.41 11.30
C PRO A 113 4.30 24.46 11.29
N TYR A 114 3.64 23.74 10.37
CA TYR A 114 2.19 23.79 10.29
C TYR A 114 1.52 23.03 11.43
N THR A 115 2.18 22.01 11.98
CA THR A 115 1.60 21.33 13.13
C THR A 115 1.87 22.11 14.41
N LYS A 116 2.96 22.88 14.42
CA LYS A 116 3.31 23.64 15.61
C LYS A 116 2.38 24.85 15.79
N ASP A 117 1.96 25.48 14.70
CA ASP A 117 1.14 26.68 14.82
C ASP A 117 -0.35 26.40 14.69
N GLY A 118 -0.73 25.14 14.55
CA GLY A 118 -2.13 24.75 14.51
C GLY A 118 -2.79 24.77 13.15
N THR A 119 -2.06 25.12 12.09
CA THR A 119 -2.61 25.04 10.74
C THR A 119 -3.12 23.65 10.45
N ILE A 120 -2.35 22.63 10.83
CA ILE A 120 -2.77 21.24 10.83
C ILE A 120 -2.91 20.81 12.28
N ASP A 121 -4.14 20.59 12.74
CA ASP A 121 -4.37 20.26 14.14
C ASP A 121 -4.06 18.79 14.41
N VAL A 122 -3.18 18.54 15.38
CA VAL A 122 -2.78 17.19 15.74
C VAL A 122 -3.29 16.79 17.13
N SER A 123 -4.24 17.55 17.69
CA SER A 123 -4.68 17.32 19.06
C SER A 123 -5.31 15.94 19.24
N SER A 124 -5.96 15.41 18.21
CA SER A 124 -6.59 14.09 18.27
C SER A 124 -5.79 13.02 17.55
N ILE A 125 -4.55 13.33 17.17
CA ILE A 125 -3.67 12.39 16.48
C ILE A 125 -2.50 12.10 17.40
N ASP A 126 -2.34 10.84 17.78
CA ASP A 126 -1.19 10.45 18.58
C ASP A 126 0.05 10.45 17.71
N GLU A 127 1.09 11.14 18.17
CA GLU A 127 2.26 11.38 17.33
C GLU A 127 2.90 10.09 16.82
N ASN A 128 2.65 8.95 17.47
CA ASN A 128 3.23 7.70 16.98
C ASN A 128 2.69 7.33 15.61
N MET A 129 1.47 7.76 15.28
CA MET A 129 0.95 7.50 13.94
C MET A 129 1.60 8.40 12.90
N LEU A 130 1.97 9.62 13.29
CA LEU A 130 2.54 10.55 12.34
C LEU A 130 4.01 10.27 12.03
N SER A 131 4.67 9.42 12.83
CA SER A 131 6.09 9.18 12.65
C SER A 131 6.40 8.42 11.36
N GLY A 132 5.42 7.76 10.77
CA GLY A 132 5.60 7.15 9.48
C GLY A 132 5.84 8.16 8.37
N GLY A 133 5.56 9.44 8.62
CA GLY A 133 5.89 10.49 7.69
C GLY A 133 7.12 11.29 8.03
N LYS A 134 7.85 10.89 9.06
CA LYS A 134 9.06 11.59 9.47
C LYS A 134 10.29 10.92 8.89
N ILE A 135 11.24 11.74 8.48
CA ILE A 135 12.59 11.31 8.18
C ILE A 135 13.50 12.04 9.14
N ASP A 136 14.15 11.30 10.03
CA ASP A 136 14.94 11.90 11.09
C ASP A 136 14.10 12.93 11.84
N ASN A 137 14.44 14.22 11.76
CA ASN A 137 13.79 15.25 12.56
C ASN A 137 12.61 15.92 11.88
N LYS A 138 12.40 15.71 10.58
CA LYS A 138 11.45 16.51 9.82
C LYS A 138 10.24 15.67 9.40
N LEU A 139 9.10 16.34 9.28
CA LEU A 139 7.83 15.70 8.90
C LEU A 139 7.57 16.01 7.44
N TYR A 140 7.96 15.07 6.56
CA TYR A 140 7.87 15.32 5.13
C TYR A 140 6.55 14.83 4.53
N GLY A 141 5.76 14.09 5.28
CA GLY A 141 4.46 13.68 4.82
C GLY A 141 3.52 13.57 6.00
N PHE A 142 2.26 13.94 5.82
CA PHE A 142 1.25 13.80 6.87
C PHE A 142 0.47 12.52 6.62
N THR A 143 0.54 11.58 7.56
CA THR A 143 -0.10 10.28 7.38
C THR A 143 -1.62 10.44 7.33
N LEU A 144 -2.25 9.84 6.31
CA LEU A 144 -3.69 9.98 6.09
C LEU A 144 -4.52 8.85 6.68
N GLY A 145 -3.89 7.72 6.99
CA GLY A 145 -4.63 6.60 7.51
C GLY A 145 -3.70 5.48 7.89
N VAL A 146 -4.28 4.43 8.45
CA VAL A 146 -3.53 3.22 8.81
C VAL A 146 -4.19 2.02 8.15
N ASN A 147 -3.38 1.08 7.67
CA ASN A 147 -3.90 -0.13 7.07
C ASN A 147 -3.01 -1.31 7.44
N VAL A 148 -3.48 -2.49 7.04
CA VAL A 148 -2.87 -3.77 7.41
C VAL A 148 -2.96 -4.69 6.20
N LEU A 149 -1.89 -5.43 5.92
CA LEU A 149 -1.96 -6.41 4.81
C LEU A 149 -3.06 -7.44 5.08
N SER A 150 -3.68 -7.90 4.00
CA SER A 150 -4.77 -8.87 4.11
C SER A 150 -4.76 -9.79 2.89
N VAL A 151 -5.33 -10.98 3.08
CA VAL A 151 -5.72 -11.85 1.97
C VAL A 151 -7.22 -11.67 1.77
N ILE A 152 -7.61 -11.10 0.65
CA ILE A 152 -9.01 -10.83 0.33
C ILE A 152 -9.51 -11.96 -0.56
N ALA A 153 -10.66 -12.54 -0.20
CA ALA A 153 -11.15 -13.71 -0.92
C ALA A 153 -12.57 -13.48 -1.41
N ASN A 154 -12.86 -14.06 -2.57
CA ASN A 154 -14.21 -14.14 -3.10
C ASN A 154 -14.88 -15.36 -2.47
N GLU A 155 -15.86 -15.13 -1.59
CA GLU A 155 -16.48 -16.24 -0.86
C GLU A 155 -17.22 -17.18 -1.79
N ASP A 156 -17.77 -16.67 -2.90
CA ASP A 156 -18.49 -17.56 -3.81
C ASP A 156 -17.54 -18.52 -4.50
N LEU A 157 -16.33 -18.06 -4.81
CA LEU A 157 -15.36 -18.96 -5.43
C LEU A 157 -14.75 -19.93 -4.43
N LEU A 158 -14.55 -19.51 -3.17
CA LEU A 158 -14.17 -20.47 -2.15
C LEU A 158 -15.21 -21.58 -2.05
N LYS A 159 -16.49 -21.21 -1.98
CA LYS A 159 -17.56 -22.20 -1.91
C LYS A 159 -17.58 -23.09 -3.14
N LYS A 160 -17.32 -22.52 -4.33
CA LYS A 160 -17.33 -23.33 -5.54
C LYS A 160 -16.31 -24.45 -5.45
N ALA A 161 -15.12 -24.16 -4.92
CA ALA A 161 -14.07 -25.15 -4.76
C ALA A 161 -14.23 -26.02 -3.52
N GLY A 162 -15.21 -25.71 -2.65
CA GLY A 162 -15.38 -26.44 -1.42
C GLY A 162 -14.30 -26.22 -0.39
N VAL A 163 -13.65 -25.05 -0.38
CA VAL A 163 -12.51 -24.79 0.47
C VAL A 163 -12.86 -23.70 1.48
N SER A 164 -12.03 -23.60 2.52
CA SER A 164 -12.19 -22.57 3.54
C SER A 164 -10.81 -22.14 4.02
N ILE A 165 -10.76 -20.93 4.58
CA ILE A 165 -9.55 -20.36 5.14
C ILE A 165 -9.69 -20.33 6.64
N ASN A 166 -8.76 -20.98 7.33
CA ASN A 166 -8.71 -20.95 8.79
C ASN A 166 -7.58 -19.97 9.14
N GLN A 167 -7.94 -18.70 9.28
CA GLN A 167 -6.99 -17.60 9.15
C GLN A 167 -6.03 -17.46 10.32
N GLU A 168 -6.36 -17.98 11.50
CA GLU A 168 -5.55 -17.63 12.67
C GLU A 168 -4.20 -18.32 12.65
N ASN A 169 -4.13 -19.50 12.04
CA ASN A 169 -3.01 -20.41 12.21
C ASN A 169 -2.50 -20.99 10.89
N TRP A 170 -3.00 -20.53 9.74
CA TRP A 170 -2.62 -21.23 8.52
C TRP A 170 -1.21 -20.83 8.09
N THR A 171 -0.59 -21.74 7.34
CA THR A 171 0.81 -21.65 6.94
C THR A 171 0.94 -21.31 5.47
N TRP A 172 2.17 -21.00 5.07
CA TRP A 172 2.45 -20.80 3.65
C TRP A 172 2.13 -22.05 2.84
N GLU A 173 2.39 -23.22 3.43
CA GLU A 173 2.05 -24.48 2.78
C GLU A 173 0.53 -24.62 2.63
N ASP A 174 -0.23 -24.23 3.67
CA ASP A 174 -1.68 -24.24 3.57
C ASP A 174 -2.15 -23.33 2.44
N TYR A 175 -1.53 -22.15 2.33
CA TYR A 175 -1.94 -21.22 1.28
C TYR A 175 -1.66 -21.79 -0.10
N GLU A 176 -0.48 -22.39 -0.29
CA GLU A 176 -0.16 -22.96 -1.59
C GLU A 176 -1.15 -24.06 -1.95
N LYS A 177 -1.50 -24.91 -0.99
CA LYS A 177 -2.50 -25.95 -1.25
C LYS A 177 -3.84 -25.36 -1.61
N LEU A 178 -4.26 -24.31 -0.89
CA LEU A 178 -5.52 -23.63 -1.21
C LEU A 178 -5.51 -23.11 -2.64
N ALA A 179 -4.39 -22.52 -3.07
CA ALA A 179 -4.33 -21.98 -4.42
C ALA A 179 -4.46 -23.09 -5.46
N TYR A 180 -3.86 -24.26 -5.21
CA TYR A 180 -4.04 -25.37 -6.14
C TYR A 180 -5.47 -25.88 -6.14
N ASP A 181 -6.08 -25.97 -4.95
CA ASP A 181 -7.49 -26.37 -4.85
C ASP A 181 -8.38 -25.43 -5.64
N LEU A 182 -8.10 -24.12 -5.57
CA LEU A 182 -8.95 -23.16 -6.28
C LEU A 182 -8.85 -23.33 -7.79
N GLN A 183 -7.65 -23.57 -8.31
CA GLN A 183 -7.50 -23.74 -9.74
C GLN A 183 -8.09 -25.07 -10.20
N GLU A 184 -7.86 -26.13 -9.43
CA GLU A 184 -8.30 -27.45 -9.88
C GLU A 184 -9.80 -27.63 -9.73
N LYS A 185 -10.38 -27.04 -8.70
CA LYS A 185 -11.78 -27.29 -8.39
C LYS A 185 -12.71 -26.14 -8.75
N ALA A 186 -12.19 -24.92 -8.86
CA ALA A 186 -13.03 -23.80 -9.27
C ALA A 186 -12.61 -23.16 -10.59
N GLY A 187 -11.49 -23.56 -11.18
CA GLY A 187 -11.12 -22.99 -12.47
C GLY A 187 -10.68 -21.55 -12.41
N VAL A 188 -10.21 -21.06 -11.26
CA VAL A 188 -9.73 -19.69 -11.11
C VAL A 188 -8.38 -19.69 -10.41
N TYR A 189 -7.69 -18.55 -10.52
CA TYR A 189 -6.43 -18.39 -9.81
C TYR A 189 -6.65 -18.39 -8.30
N GLY A 190 -5.64 -18.90 -7.58
CA GLY A 190 -5.55 -18.77 -6.14
C GLY A 190 -4.66 -17.64 -5.68
N SER A 191 -4.14 -16.85 -6.61
CA SER A 191 -3.36 -15.65 -6.29
C SER A 191 -3.57 -14.64 -7.40
N ASN A 192 -3.62 -13.36 -7.02
CA ASN A 192 -3.57 -12.29 -8.01
C ASN A 192 -2.14 -12.01 -8.49
N GLY A 193 -1.15 -12.71 -7.95
CA GLY A 193 0.25 -12.48 -8.28
C GLY A 193 1.10 -12.02 -7.12
N MET A 194 0.50 -11.69 -5.96
CA MET A 194 1.28 -11.20 -4.81
C MET A 194 2.19 -10.07 -5.28
N HIS A 195 1.57 -9.11 -5.93
CA HIS A 195 2.21 -8.00 -6.59
C HIS A 195 2.14 -6.77 -5.70
N PRO A 196 3.25 -6.05 -5.50
CA PRO A 196 4.57 -6.31 -6.08
C PRO A 196 5.46 -7.04 -5.10
N PRO A 197 6.56 -7.62 -5.60
CA PRO A 197 7.43 -8.39 -4.69
C PRO A 197 8.06 -7.55 -3.59
N ASP A 198 8.21 -6.24 -3.76
CA ASP A 198 8.76 -5.42 -2.68
C ASP A 198 7.82 -5.27 -1.50
N ILE A 199 6.56 -5.68 -1.62
CA ILE A 199 5.68 -5.76 -0.47
C ILE A 199 5.61 -7.17 0.07
N PHE A 200 5.47 -8.16 -0.79
CA PHE A 200 5.14 -9.49 -0.28
C PHE A 200 6.36 -10.34 0.03
N PHE A 201 7.50 -10.12 -0.63
CA PHE A 201 8.71 -10.78 -0.14
C PHE A 201 9.12 -10.27 1.23
N PRO A 202 9.11 -8.96 1.50
CA PRO A 202 9.36 -8.52 2.89
C PRO A 202 8.32 -9.04 3.87
N TYR A 203 7.05 -9.18 3.48
CA TYR A 203 6.10 -9.80 4.39
C TYR A 203 6.52 -11.22 4.71
N TYR A 204 6.88 -11.99 3.68
CA TYR A 204 7.39 -13.34 3.90
C TYR A 204 8.58 -13.32 4.86
N LEU A 205 9.53 -12.40 4.64
CA LEU A 205 10.65 -12.32 5.55
C LEU A 205 10.18 -12.13 6.99
N ARG A 206 9.20 -11.26 7.20
CA ARG A 206 8.74 -11.03 8.56
C ARG A 206 8.07 -12.27 9.16
N THR A 207 7.37 -13.08 8.35
CA THR A 207 6.79 -14.30 8.91
C THR A 207 7.87 -15.25 9.41
N LYS A 208 9.09 -15.14 8.87
CA LYS A 208 10.21 -15.97 9.30
C LYS A 208 11.11 -15.24 10.29
N GLY A 209 10.65 -14.12 10.85
CA GLY A 209 11.43 -13.38 11.82
C GLY A 209 12.61 -12.62 11.24
N GLU A 210 12.57 -12.31 9.96
CA GLU A 210 13.65 -11.62 9.27
C GLU A 210 13.16 -10.27 8.73
N ARG A 211 14.11 -9.51 8.17
CA ARG A 211 13.81 -8.15 7.71
C ARG A 211 14.45 -7.93 6.35
N PHE A 212 13.81 -7.06 5.55
CA PHE A 212 14.31 -6.74 4.22
C PHE A 212 15.47 -5.74 4.27
N TYR A 213 15.21 -4.55 4.79
CA TYR A 213 16.21 -3.47 4.86
C TYR A 213 16.88 -3.45 6.22
N LYS A 214 18.18 -3.17 6.25
CA LYS A 214 18.83 -2.81 7.50
C LYS A 214 18.25 -1.52 8.04
N GLU A 215 18.24 -1.39 9.37
CA GLU A 215 17.73 -0.17 9.98
C GLU A 215 18.51 1.06 9.53
N ASP A 216 19.81 0.94 9.29
CA ASP A 216 20.56 2.10 8.83
C ASP A 216 20.41 2.36 7.34
N GLY A 217 19.69 1.50 6.62
CA GLY A 217 19.42 1.70 5.21
C GLY A 217 20.59 1.44 4.28
N THR A 218 21.69 0.86 4.75
CA THR A 218 22.87 0.71 3.91
C THR A 218 22.95 -0.65 3.20
N GLY A 219 21.97 -1.52 3.38
CA GLY A 219 22.03 -2.82 2.76
C GLY A 219 20.84 -3.65 3.18
N LEU A 220 20.79 -4.86 2.65
CA LEU A 220 19.76 -5.82 3.06
C LEU A 220 20.06 -6.38 4.44
N ALA A 221 19.01 -6.59 5.23
CA ALA A 221 19.15 -7.13 6.58
C ALA A 221 19.31 -8.64 6.56
N TYR A 222 18.37 -9.35 5.94
CA TYR A 222 18.45 -10.81 5.91
C TYR A 222 19.73 -11.25 5.22
N GLN A 223 20.38 -12.28 5.78
CA GLN A 223 21.64 -12.79 5.25
C GLN A 223 21.51 -14.16 4.60
N ASP A 224 20.42 -14.87 4.84
CA ASP A 224 20.25 -16.22 4.29
C ASP A 224 19.50 -16.14 2.97
N ASP A 225 20.24 -16.35 1.87
CA ASP A 225 19.61 -16.32 0.56
C ASP A 225 18.53 -17.38 0.41
N GLN A 226 18.51 -18.41 1.26
CA GLN A 226 17.47 -19.44 1.14
C GLN A 226 16.09 -18.86 1.34
N LEU A 227 15.99 -17.77 2.10
CA LEU A 227 14.70 -17.10 2.28
C LEU A 227 14.17 -16.55 0.96
N PHE A 228 15.05 -15.93 0.18
CA PHE A 228 14.71 -15.48 -1.17
C PHE A 228 14.36 -16.67 -2.05
N VAL A 229 15.18 -17.71 -2.02
CA VAL A 229 14.94 -18.89 -2.85
C VAL A 229 13.59 -19.52 -2.52
N ASP A 230 13.29 -19.69 -1.23
CA ASP A 230 12.03 -20.31 -0.84
C ASP A 230 10.83 -19.47 -1.31
N TYR A 231 10.93 -18.15 -1.19
CA TYR A 231 9.81 -17.29 -1.60
C TYR A 231 9.56 -17.38 -3.10
N PHE A 232 10.61 -17.23 -3.91
CA PHE A 232 10.40 -17.20 -5.35
C PHE A 232 10.23 -18.58 -5.97
N GLU A 233 10.73 -19.64 -5.33
CA GLU A 233 10.37 -20.98 -5.76
C GLU A 233 8.87 -21.20 -5.63
N ARG A 234 8.27 -20.70 -4.55
CA ARG A 234 6.83 -20.86 -4.39
C ARG A 234 6.07 -20.08 -5.45
N GLN A 235 6.50 -18.84 -5.72
CA GLN A 235 5.87 -18.07 -6.79
C GLN A 235 5.95 -18.81 -8.11
N LEU A 236 7.10 -19.39 -8.42
CA LEU A 236 7.24 -20.12 -9.68
C LEU A 236 6.30 -21.31 -9.74
N ARG A 237 6.16 -22.06 -8.64
CA ARG A 237 5.21 -23.18 -8.62
C ARG A 237 3.79 -22.71 -8.89
N LEU A 238 3.39 -21.59 -8.28
CA LEU A 238 2.03 -21.10 -8.47
C LEU A 238 1.80 -20.73 -9.93
N VAL A 239 2.77 -20.07 -10.55
CA VAL A 239 2.64 -19.68 -11.96
C VAL A 239 2.61 -20.92 -12.85
N LYS A 240 3.52 -21.87 -12.60
CA LYS A 240 3.56 -23.07 -13.44
C LYS A 240 2.30 -23.91 -13.30
N ALA A 241 1.65 -23.87 -12.14
CA ALA A 241 0.39 -24.56 -11.90
C ALA A 241 -0.82 -23.81 -12.43
N LYS A 242 -0.60 -22.66 -13.09
CA LYS A 242 -1.65 -21.83 -13.65
C LYS A 242 -2.65 -21.40 -12.58
N THR A 243 -2.16 -21.11 -11.37
CA THR A 243 -3.01 -20.55 -10.32
C THR A 243 -2.54 -19.16 -9.92
N SER A 244 -1.63 -18.57 -10.69
CA SER A 244 -1.11 -17.23 -10.48
C SER A 244 -0.68 -16.67 -11.83
N PRO A 245 -0.87 -15.36 -12.06
CA PRO A 245 -0.61 -14.82 -13.39
C PRO A 245 0.87 -14.72 -13.75
N THR A 246 1.17 -14.90 -15.03
CA THR A 246 2.49 -14.58 -15.55
C THR A 246 2.68 -13.05 -15.53
N PRO A 247 3.92 -12.58 -15.59
CA PRO A 247 4.14 -11.12 -15.64
C PRO A 247 3.42 -10.45 -16.81
N ASP A 248 3.32 -11.11 -17.96
CA ASP A 248 2.69 -10.49 -19.11
C ASP A 248 1.18 -10.36 -18.93
N GLU A 249 0.57 -11.27 -18.18
CA GLU A 249 -0.86 -11.10 -17.92
C GLU A 249 -1.09 -9.96 -16.93
N SER A 250 -0.28 -9.90 -15.87
CA SER A 250 -0.42 -8.83 -14.90
C SER A 250 -0.25 -7.46 -15.54
N ALA A 251 0.70 -7.36 -16.48
CA ALA A 251 0.95 -6.10 -17.16
C ALA A 251 -0.22 -5.65 -18.02
N GLN A 252 -1.11 -6.57 -18.37
CA GLN A 252 -2.30 -6.23 -19.16
C GLN A 252 -3.33 -5.46 -18.34
N ILE A 253 -3.22 -5.45 -17.02
CA ILE A 253 -4.30 -4.89 -16.19
C ILE A 253 -4.31 -3.37 -16.35
N LYS A 254 -5.42 -2.85 -16.86
CA LYS A 254 -5.56 -1.46 -17.29
C LYS A 254 -5.82 -0.53 -16.11
N GLY A 255 -6.55 -1.02 -15.12
CA GLY A 255 -7.09 -0.22 -14.04
C GLY A 255 -7.90 -1.15 -13.18
N MET A 256 -8.44 -0.59 -12.10
CA MET A 256 -8.92 -1.44 -11.02
C MET A 256 -10.11 -2.30 -11.44
N GLU A 257 -10.92 -1.82 -12.38
CA GLU A 257 -12.07 -2.62 -12.81
C GLU A 257 -11.65 -3.89 -13.52
N ASP A 258 -10.39 -3.97 -13.96
CA ASP A 258 -9.91 -5.16 -14.62
C ASP A 258 -9.02 -6.01 -13.73
N ASP A 259 -8.89 -5.67 -12.45
CA ASP A 259 -8.07 -6.46 -11.54
C ASP A 259 -8.69 -7.84 -11.34
N PHE A 260 -7.82 -8.81 -11.01
CA PHE A 260 -8.22 -10.22 -10.98
C PHE A 260 -9.41 -10.47 -10.06
N ILE A 261 -9.39 -9.88 -8.84
CA ILE A 261 -10.46 -10.14 -7.89
C ILE A 261 -11.78 -9.57 -8.40
N VAL A 262 -11.74 -8.47 -9.17
CA VAL A 262 -12.95 -7.81 -9.64
C VAL A 262 -13.57 -8.56 -10.81
N LYS A 263 -12.74 -9.01 -11.75
CA LYS A 263 -13.20 -9.76 -12.92
C LYS A 263 -13.52 -11.20 -12.60
N GLY A 264 -13.21 -11.69 -11.40
CA GLY A 264 -13.44 -13.08 -11.07
C GLY A 264 -12.40 -14.05 -11.59
N LYS A 265 -11.28 -13.53 -12.09
CA LYS A 265 -10.22 -14.41 -12.60
C LYS A 265 -9.42 -15.03 -11.48
N SER A 266 -9.36 -14.36 -10.33
CA SER A 266 -8.77 -14.93 -9.12
C SER A 266 -9.79 -14.88 -7.98
N ALA A 267 -9.77 -15.94 -7.16
CA ALA A 267 -10.54 -15.96 -5.92
C ALA A 267 -9.84 -15.25 -4.78
N ILE A 268 -8.58 -14.85 -4.96
CA ILE A 268 -7.71 -14.37 -3.89
C ILE A 268 -6.95 -13.16 -4.39
N THR A 269 -6.90 -12.10 -3.59
CA THR A 269 -5.98 -11.01 -3.91
C THR A 269 -5.28 -10.55 -2.64
N TRP A 270 -4.01 -10.17 -2.81
CA TRP A 270 -3.15 -9.75 -1.70
C TRP A 270 -3.04 -8.22 -1.70
N ASN A 271 -3.67 -7.57 -0.73
CA ASN A 271 -3.76 -6.11 -0.74
C ASN A 271 -3.89 -5.60 0.68
N TYR A 272 -3.83 -4.28 0.81
CA TYR A 272 -4.05 -3.71 2.13
C TYR A 272 -5.54 -3.62 2.45
N SER A 273 -5.82 -3.66 3.75
CA SER A 273 -7.19 -3.66 4.27
C SER A 273 -8.09 -2.61 3.60
N ASN A 274 -7.60 -1.36 3.47
CA ASN A 274 -8.45 -0.31 2.93
C ASN A 274 -8.81 -0.56 1.47
N GLN A 275 -7.95 -1.28 0.73
CA GLN A 275 -8.17 -1.52 -0.69
C GLN A 275 -9.35 -2.43 -0.94
N TYR A 276 -9.78 -3.18 0.07
CA TYR A 276 -11.01 -3.97 0.01
C TYR A 276 -12.19 -3.11 -0.43
N LEU A 277 -12.21 -1.84 -0.02
CA LEU A 277 -13.39 -1.01 -0.27
C LEU A 277 -13.58 -0.77 -1.76
N GLY A 278 -12.50 -0.36 -2.44
CA GLY A 278 -12.59 -0.17 -3.87
C GLY A 278 -13.01 -1.43 -4.60
N PHE A 279 -12.45 -2.57 -4.21
CA PHE A 279 -12.87 -3.83 -4.82
C PHE A 279 -14.36 -4.08 -4.58
N ALA A 280 -14.82 -3.87 -3.35
CA ALA A 280 -16.21 -4.18 -2.99
C ALA A 280 -17.18 -3.30 -3.77
N ARG A 281 -16.76 -2.08 -4.13
CA ARG A 281 -17.58 -1.17 -4.91
C ARG A 281 -17.57 -1.49 -6.41
N LEU A 282 -16.69 -2.38 -6.85
CA LEU A 282 -16.58 -2.70 -8.26
C LEU A 282 -17.07 -4.10 -8.61
N THR A 283 -17.37 -4.94 -7.62
CA THR A 283 -17.97 -6.23 -7.89
C THR A 283 -19.09 -6.51 -6.91
N ASP A 284 -20.08 -7.26 -7.39
CA ASP A 284 -21.19 -7.73 -6.58
C ASP A 284 -20.84 -8.94 -5.73
N SER A 285 -19.75 -9.64 -6.06
CA SER A 285 -19.38 -10.87 -5.37
C SER A 285 -19.07 -10.59 -3.90
N PRO A 286 -19.42 -11.51 -3.00
CA PRO A 286 -19.11 -11.32 -1.58
C PRO A 286 -17.62 -11.51 -1.33
N LEU A 287 -16.98 -10.47 -0.81
CA LEU A 287 -15.56 -10.51 -0.51
C LEU A 287 -15.36 -10.46 0.99
N SER A 288 -14.31 -11.13 1.46
CA SER A 288 -13.95 -11.11 2.87
C SER A 288 -12.46 -10.82 3.02
N LEU A 289 -12.10 -10.25 4.16
CA LEU A 289 -10.72 -10.03 4.56
C LEU A 289 -10.27 -11.13 5.50
N TYR A 290 -9.14 -11.74 5.20
CA TYR A 290 -8.54 -12.76 6.02
C TYR A 290 -7.13 -12.37 6.43
N LEU A 291 -6.74 -12.77 7.63
CA LEU A 291 -5.35 -12.62 8.04
C LEU A 291 -4.45 -13.43 7.10
N PRO A 292 -3.31 -12.88 6.67
CA PRO A 292 -2.41 -13.65 5.79
C PRO A 292 -1.76 -14.80 6.53
N PRO A 293 -1.20 -15.76 5.78
CA PRO A 293 -0.55 -16.92 6.43
C PRO A 293 0.64 -16.51 7.29
N GLU A 294 0.80 -17.22 8.40
CA GLU A 294 2.00 -17.20 9.23
C GLU A 294 2.32 -15.81 9.80
N GLN A 295 1.29 -15.01 10.06
CA GLN A 295 1.56 -13.76 10.75
C GLN A 295 1.69 -13.94 12.26
N MET A 296 1.14 -15.03 12.81
CA MET A 296 0.96 -15.11 14.26
C MET A 296 2.29 -15.09 15.00
N GLN A 297 3.17 -16.04 14.72
CA GLN A 297 4.29 -16.31 15.61
C GLN A 297 5.24 -15.11 15.72
N GLU A 298 5.56 -14.47 14.61
CA GLU A 298 6.50 -13.37 14.62
C GLU A 298 5.84 -12.00 14.57
N LYS A 299 4.52 -11.94 14.74
CA LYS A 299 3.80 -10.68 14.62
C LYS A 299 4.17 -9.98 13.32
N ALA A 300 3.99 -10.70 12.21
CA ALA A 300 4.50 -10.25 10.91
C ALA A 300 3.72 -9.08 10.35
N LEU A 301 2.46 -8.89 10.75
CA LEU A 301 1.71 -7.76 10.24
C LEU A 301 2.16 -6.47 10.93
N THR A 302 2.05 -5.36 10.22
CA THR A 302 2.31 -4.06 10.82
C THR A 302 1.10 -3.14 10.65
N LEU A 303 0.99 -2.20 11.59
CA LEU A 303 0.03 -1.12 11.50
C LEU A 303 0.70 -0.04 10.65
N LYS A 304 0.43 -0.06 9.35
CA LYS A 304 1.22 0.72 8.40
C LYS A 304 0.59 2.08 8.15
N PRO A 305 1.37 3.15 8.01
CA PRO A 305 0.84 4.40 7.44
C PRO A 305 0.42 4.14 6.00
N SER A 306 -0.87 4.26 5.73
CA SER A 306 -1.42 3.82 4.46
C SER A 306 -0.87 4.64 3.31
N MET A 307 -0.75 5.95 3.51
CA MET A 307 -0.27 6.91 2.54
C MET A 307 -0.24 8.25 3.27
N LEU A 308 0.33 9.26 2.61
CA LEU A 308 0.58 10.57 3.19
C LEU A 308 0.20 11.66 2.20
N PHE A 309 0.06 12.89 2.70
CA PHE A 309 0.09 14.07 1.83
C PHE A 309 1.37 14.85 2.10
N SER A 310 2.01 15.28 1.04
CA SER A 310 3.23 16.07 1.09
C SER A 310 3.02 17.35 0.29
N ILE A 311 3.86 18.34 0.57
CA ILE A 311 3.87 19.65 -0.09
C ILE A 311 5.27 19.86 -0.65
N PRO A 312 5.42 20.13 -1.94
CA PRO A 312 6.77 20.34 -2.48
C PRO A 312 7.33 21.70 -2.10
N LYS A 313 8.67 21.76 -2.01
CA LYS A 313 9.33 23.03 -1.74
C LYS A 313 9.07 24.05 -2.84
N SER A 314 8.72 23.59 -4.04
CA SER A 314 8.45 24.49 -5.16
C SER A 314 7.08 25.15 -5.07
N SER A 315 6.21 24.70 -4.18
CA SER A 315 4.83 25.17 -4.20
C SER A 315 4.72 26.65 -3.88
N GLU A 316 3.91 27.35 -4.66
CA GLU A 316 3.56 28.74 -4.41
C GLU A 316 2.30 28.86 -3.55
N HIS A 317 1.78 27.76 -3.05
CA HIS A 317 0.55 27.77 -2.25
C HIS A 317 0.70 26.87 -1.03
N LYS A 318 1.81 27.02 -0.31
CA LYS A 318 2.12 26.08 0.77
C LYS A 318 1.10 26.15 1.91
N LYS A 319 0.73 27.37 2.31
CA LYS A 319 -0.25 27.50 3.39
C LYS A 319 -1.60 26.92 3.00
N GLU A 320 -2.04 27.17 1.77
CA GLU A 320 -3.32 26.59 1.34
C GLU A 320 -3.22 25.08 1.23
N ALA A 321 -2.09 24.56 0.77
CA ALA A 321 -1.92 23.12 0.73
C ALA A 321 -1.99 22.51 2.12
N ALA A 322 -1.36 23.17 3.09
CA ALA A 322 -1.44 22.69 4.47
C ALA A 322 -2.87 22.76 5.00
N LYS A 323 -3.61 23.83 4.68
CA LYS A 323 -5.00 23.92 5.10
C LYS A 323 -5.84 22.81 4.48
N PHE A 324 -5.52 22.43 3.24
CA PHE A 324 -6.25 21.32 2.64
C PHE A 324 -5.95 20.00 3.36
N ILE A 325 -4.68 19.75 3.69
CA ILE A 325 -4.32 18.56 4.45
C ILE A 325 -5.07 18.52 5.78
N ASN A 326 -5.14 19.66 6.46
CA ASN A 326 -5.85 19.70 7.74
C ASN A 326 -7.32 19.33 7.57
N PHE A 327 -7.95 19.92 6.55
CA PHE A 327 -9.33 19.59 6.22
C PHE A 327 -9.50 18.11 5.93
N PHE A 328 -8.57 17.54 5.16
CA PHE A 328 -8.72 16.14 4.77
C PHE A 328 -8.67 15.20 5.97
N VAL A 329 -7.83 15.52 6.96
CA VAL A 329 -7.66 14.63 8.11
C VAL A 329 -8.65 14.93 9.25
N ASN A 330 -9.05 16.18 9.43
CA ASN A 330 -9.82 16.55 10.62
C ASN A 330 -11.28 16.88 10.36
N ASN A 331 -11.69 17.13 9.13
CA ASN A 331 -13.07 17.51 8.86
C ASN A 331 -13.95 16.27 8.83
N GLU A 332 -14.94 16.23 9.71
CA GLU A 332 -15.80 15.05 9.81
C GLU A 332 -16.69 14.90 8.58
N GLU A 333 -17.21 16.02 8.05
CA GLU A 333 -18.03 15.97 6.84
C GLU A 333 -17.25 15.37 5.68
N ALA A 334 -16.02 15.86 5.45
CA ALA A 334 -15.18 15.30 4.42
C ALA A 334 -14.97 13.80 4.63
N ASN A 335 -14.77 13.39 5.87
CA ASN A 335 -14.50 11.98 6.10
C ASN A 335 -15.74 11.12 6.02
N GLN A 336 -16.93 11.72 6.07
CA GLN A 336 -18.14 10.95 5.74
C GLN A 336 -18.22 10.64 4.25
N LEU A 337 -17.45 11.33 3.41
CA LEU A 337 -17.30 10.97 2.00
C LEU A 337 -16.18 9.96 1.79
N ILE A 338 -15.14 9.99 2.62
CA ILE A 338 -13.97 9.13 2.45
C ILE A 338 -14.22 7.73 3.01
N LYS A 339 -14.77 7.66 4.23
CA LYS A 339 -15.26 6.39 4.78
C LYS A 339 -14.16 5.34 4.91
N GLY A 340 -12.95 5.78 5.24
CA GLY A 340 -11.84 4.88 5.46
C GLY A 340 -11.22 4.30 4.20
N GLU A 341 -11.57 4.81 3.03
CA GLU A 341 -11.04 4.20 1.81
C GLU A 341 -9.54 4.39 1.69
N ARG A 342 -8.97 5.41 2.32
CA ARG A 342 -7.52 5.58 2.33
C ARG A 342 -6.89 5.13 3.63
N GLY A 343 -7.60 4.29 4.40
CA GLY A 343 -7.09 3.81 5.67
C GLY A 343 -7.93 4.29 6.84
N VAL A 344 -7.72 3.64 7.97
CA VAL A 344 -8.41 4.11 9.18
C VAL A 344 -7.91 5.52 9.49
N PRO A 345 -8.80 6.51 9.67
CA PRO A 345 -8.33 7.89 9.91
C PRO A 345 -7.35 7.98 11.06
N VAL A 346 -6.32 8.82 10.89
CA VAL A 346 -5.32 8.96 11.94
C VAL A 346 -5.87 9.74 13.14
N SER A 347 -6.91 10.54 12.95
CA SER A 347 -7.55 11.19 14.07
C SER A 347 -8.52 10.20 14.71
N ASP A 348 -8.27 9.87 15.98
CA ASP A 348 -9.18 8.97 16.69
C ASP A 348 -10.59 9.55 16.76
N LYS A 349 -10.69 10.88 16.92
CA LYS A 349 -11.99 11.54 16.94
C LYS A 349 -12.73 11.30 15.62
N VAL A 350 -12.03 11.50 14.51
CA VAL A 350 -12.66 11.30 13.21
C VAL A 350 -12.97 9.83 12.98
N ALA A 351 -12.02 8.94 13.32
CA ALA A 351 -12.20 7.52 13.04
C ALA A 351 -13.41 6.97 13.76
N ASP A 352 -13.62 7.40 15.01
CA ASP A 352 -14.79 6.92 15.74
C ASP A 352 -16.05 7.64 15.29
N ALA A 353 -15.96 8.92 14.90
CA ALA A 353 -17.15 9.66 14.53
C ALA A 353 -17.75 9.20 13.22
N ILE A 354 -16.95 8.62 12.31
CA ILE A 354 -17.51 8.18 11.04
C ILE A 354 -17.98 6.73 11.08
N LYS A 355 -17.69 6.00 12.15
CA LYS A 355 -18.12 4.61 12.23
C LYS A 355 -19.62 4.43 12.07
N PRO A 356 -20.49 5.25 12.64
CA PRO A 356 -21.93 5.08 12.39
C PRO A 356 -22.31 5.23 10.92
N LYS A 357 -21.53 5.98 10.14
CA LYS A 357 -21.85 6.20 8.74
C LYS A 357 -21.48 5.01 7.85
N LEU A 358 -20.64 4.09 8.33
CA LEU A 358 -20.12 3.03 7.47
C LEU A 358 -21.17 1.96 7.22
N ASN A 359 -21.18 1.43 6.00
CA ASN A 359 -22.06 0.32 5.66
C ASN A 359 -21.32 -1.00 5.92
N GLU A 360 -21.88 -2.12 5.45
CA GLU A 360 -21.33 -3.42 5.81
C GLU A 360 -19.88 -3.57 5.32
N GLU A 361 -19.62 -3.23 4.06
CA GLU A 361 -18.29 -3.46 3.52
C GLU A 361 -17.29 -2.48 4.12
N GLU A 362 -17.71 -1.23 4.33
CA GLU A 362 -16.84 -0.27 5.00
C GLU A 362 -16.55 -0.70 6.43
N THR A 363 -17.53 -1.31 7.10
CA THR A 363 -17.32 -1.78 8.46
C THR A 363 -16.43 -3.03 8.50
N ASN A 364 -16.50 -3.88 7.48
CA ASN A 364 -15.64 -5.06 7.43
C ASN A 364 -14.17 -4.69 7.56
N ILE A 365 -13.76 -3.56 6.97
CA ILE A 365 -12.36 -3.14 7.04
C ILE A 365 -12.00 -2.77 8.47
N VAL A 366 -12.86 -1.99 9.13
CA VAL A 366 -12.60 -1.61 10.52
C VAL A 366 -12.50 -2.85 11.39
N GLU A 367 -13.42 -3.80 11.20
CA GLU A 367 -13.38 -5.05 11.96
C GLU A 367 -12.08 -5.80 11.72
N TYR A 368 -11.62 -5.84 10.46
CA TYR A 368 -10.39 -6.58 10.16
C TYR A 368 -9.18 -5.94 10.84
N VAL A 369 -9.05 -4.62 10.73
CA VAL A 369 -7.92 -3.95 11.36
C VAL A 369 -7.95 -4.17 12.86
N GLU A 370 -9.12 -4.10 13.47
CA GLU A 370 -9.21 -4.36 14.91
C GLU A 370 -8.80 -5.79 15.24
N THR A 371 -9.24 -6.76 14.45
CA THR A 371 -8.86 -8.15 14.70
C THR A 371 -7.36 -8.34 14.53
N ALA A 372 -6.80 -7.85 13.42
CA ALA A 372 -5.36 -7.97 13.22
C ALA A 372 -4.58 -7.27 14.32
N SER A 373 -5.13 -6.20 14.87
CA SER A 373 -4.42 -5.43 15.86
C SER A 373 -4.26 -6.12 17.22
N LYS A 374 -4.95 -7.24 17.44
CA LYS A 374 -4.69 -8.03 18.63
C LYS A 374 -3.36 -8.78 18.55
N ASN A 375 -2.71 -8.75 17.39
CA ASN A 375 -1.40 -9.37 17.22
C ASN A 375 -0.68 -8.69 16.07
N ILE A 376 -0.11 -7.51 16.31
CA ILE A 376 0.44 -6.68 15.24
C ILE A 376 1.70 -5.99 15.74
N SER A 377 2.51 -5.53 14.80
CA SER A 377 3.74 -4.81 15.10
C SER A 377 3.64 -3.36 14.66
N LYS A 378 4.50 -2.55 15.26
CA LYS A 378 4.71 -1.18 14.81
C LYS A 378 5.30 -1.19 13.41
N ALA A 379 4.90 -0.21 12.59
CA ALA A 379 5.44 -0.12 11.25
C ALA A 379 6.93 0.19 11.30
N ASP A 380 7.67 -0.38 10.36
CA ASP A 380 9.07 -0.02 10.21
C ASP A 380 9.19 1.42 9.72
N PRO A 381 10.32 2.07 9.98
CA PRO A 381 10.50 3.46 9.52
C PRO A 381 10.44 3.56 8.01
N PRO A 382 10.31 4.76 7.45
CA PRO A 382 10.29 4.91 5.99
C PRO A 382 11.50 4.26 5.34
N GLU A 383 11.26 3.70 4.15
CA GLU A 383 12.28 2.99 3.39
C GLU A 383 13.45 3.93 3.08
N PRO A 384 14.66 3.39 2.91
CA PRO A 384 15.82 4.25 2.64
C PRO A 384 15.85 4.78 1.23
N VAL A 385 16.68 5.82 1.04
CA VAL A 385 17.01 6.24 -0.32
C VAL A 385 17.59 5.06 -1.07
N GLY A 386 17.15 4.85 -2.30
CA GLY A 386 17.47 3.65 -3.04
C GLY A 386 16.31 2.69 -3.12
N SER A 387 15.30 2.90 -2.27
CA SER A 387 14.07 2.11 -2.32
C SER A 387 13.49 2.06 -3.73
N ALA A 388 13.43 3.21 -4.41
CA ALA A 388 12.82 3.24 -5.73
C ALA A 388 13.57 2.32 -6.71
N GLU A 389 14.90 2.31 -6.63
CA GLU A 389 15.68 1.45 -7.51
C GLU A 389 15.61 -0.01 -7.07
N VAL A 390 15.56 -0.25 -5.76
CA VAL A 390 15.46 -1.63 -5.28
C VAL A 390 14.11 -2.23 -5.67
N ILE A 391 13.04 -1.44 -5.58
CA ILE A 391 11.71 -1.88 -6.01
C ILE A 391 11.75 -2.38 -7.44
N LYS A 392 12.31 -1.58 -8.35
CA LYS A 392 12.34 -1.99 -9.75
C LYS A 392 13.29 -3.16 -9.97
N LEU A 393 14.41 -3.20 -9.25
CA LEU A 393 15.33 -4.33 -9.33
C LEU A 393 14.64 -5.63 -8.94
N LEU A 394 13.88 -5.62 -7.84
CA LEU A 394 13.21 -6.84 -7.40
C LEU A 394 12.11 -7.26 -8.36
N LYS A 395 11.36 -6.29 -8.91
CA LYS A 395 10.36 -6.62 -9.93
C LYS A 395 11.00 -7.25 -11.15
N ASP A 396 12.08 -6.64 -11.65
CA ASP A 396 12.79 -7.19 -12.79
C ASP A 396 13.31 -8.59 -12.50
N THR A 397 13.86 -8.78 -11.29
CA THR A 397 14.37 -10.10 -10.92
C THR A 397 13.25 -11.12 -10.79
N SER A 398 12.14 -10.73 -10.18
CA SER A 398 10.97 -11.60 -10.12
C SER A 398 10.52 -12.00 -11.52
N ASP A 399 10.46 -11.05 -12.45
CA ASP A 399 10.03 -11.37 -13.81
C ASP A 399 10.94 -12.43 -14.43
N GLN A 400 12.25 -12.28 -14.26
CA GLN A 400 13.18 -13.22 -14.86
C GLN A 400 13.01 -14.61 -14.25
N ILE A 401 12.70 -14.67 -12.95
CA ILE A 401 12.45 -15.96 -12.32
C ILE A 401 11.18 -16.60 -12.88
N LEU A 402 10.09 -15.82 -12.97
CA LEU A 402 8.83 -16.40 -13.39
C LEU A 402 8.84 -16.77 -14.87
N TYR A 403 9.68 -16.14 -15.69
CA TYR A 403 9.83 -16.57 -17.06
C TYR A 403 10.94 -17.61 -17.21
N GLN A 404 11.46 -18.11 -16.10
CA GLN A 404 12.44 -19.22 -16.09
C GLN A 404 13.71 -18.84 -16.85
N LYS A 405 14.08 -17.56 -16.79
CA LYS A 405 15.32 -17.11 -17.41
C LYS A 405 16.49 -17.14 -16.45
N VAL A 406 16.22 -17.14 -15.15
CA VAL A 406 17.22 -17.26 -14.11
C VAL A 406 16.63 -18.15 -13.01
N SER A 407 17.46 -18.98 -12.41
CA SER A 407 16.99 -19.79 -11.29
C SER A 407 16.84 -18.93 -10.05
N PRO A 408 15.94 -19.30 -9.13
CA PRO A 408 15.86 -18.58 -7.86
C PRO A 408 17.18 -18.54 -7.10
N GLU A 409 17.97 -19.62 -7.19
CA GLU A 409 19.27 -19.67 -6.52
C GLU A 409 20.23 -18.60 -7.05
N LYS A 410 20.35 -18.50 -8.38
CA LYS A 410 21.21 -17.47 -8.96
C LYS A 410 20.67 -16.08 -8.68
N ALA A 411 19.35 -15.91 -8.83
CA ALA A 411 18.75 -14.59 -8.67
C ALA A 411 18.91 -14.07 -7.25
N ALA A 412 18.92 -14.96 -6.26
CA ALA A 412 19.12 -14.52 -4.89
C ALA A 412 20.46 -13.81 -4.75
N LYS A 413 21.50 -14.36 -5.38
CA LYS A 413 22.84 -13.80 -5.31
C LYS A 413 22.95 -12.49 -6.07
N THR A 414 22.40 -12.44 -7.30
CA THR A 414 22.48 -11.22 -8.10
C THR A 414 21.66 -10.12 -7.46
N PHE A 415 20.50 -10.48 -6.90
CA PHE A 415 19.68 -9.45 -6.26
C PHE A 415 20.38 -8.86 -5.06
N ARG A 416 20.96 -9.72 -4.21
CA ARG A 416 21.66 -9.20 -3.03
C ARG A 416 22.80 -8.29 -3.44
N LYS A 417 23.59 -8.70 -4.43
CA LYS A 417 24.75 -7.90 -4.82
C LYS A 417 24.32 -6.53 -5.30
N LYS A 418 23.33 -6.47 -6.20
CA LYS A 418 22.92 -5.18 -6.75
C LYS A 418 22.17 -4.34 -5.72
N ALA A 419 21.26 -4.96 -4.94
CA ALA A 419 20.55 -4.20 -3.92
C ALA A 419 21.52 -3.55 -2.95
N ASN A 420 22.57 -4.28 -2.56
CA ASN A 420 23.53 -3.73 -1.61
C ASN A 420 24.39 -2.66 -2.25
N GLU A 421 24.69 -2.79 -3.55
CA GLU A 421 25.39 -1.70 -4.25
C GLU A 421 24.54 -0.43 -4.27
N ILE A 422 23.23 -0.56 -4.51
CA ILE A 422 22.34 0.60 -4.48
C ILE A 422 22.32 1.23 -3.10
N LEU A 423 22.11 0.39 -2.07
CA LEU A 423 21.90 0.95 -0.73
C LEU A 423 23.18 1.48 -0.10
N GLU A 424 24.34 0.94 -0.47
CA GLU A 424 25.56 1.40 0.20
C GLU A 424 25.89 2.86 -0.11
N ARG A 425 25.26 3.46 -1.13
CA ARG A 425 25.41 4.89 -1.37
C ARG A 425 24.83 5.76 -0.26
N ASN A 426 23.91 5.25 0.55
CA ASN A 426 23.26 6.13 1.53
C ASN A 426 23.75 5.84 2.94
#